data_7BF0
#
_entry.id   7BF0
#
_cell.length_a   119.576
_cell.length_b   62.712
_cell.length_c   75.018
_cell.angle_alpha   90.000
_cell.angle_beta   119.780
_cell.angle_gamma   90.000
#
_symmetry.space_group_name_H-M   'C 1 2 1'
#
loop_
_entity.id
_entity.type
_entity.pdbx_description
1 polymer 'Cadmium-specific carbonic anhydrase'
2 non-polymer 'ZINC ION'
3 non-polymer 'CHLORIDE ION'
4 non-polymer 'CARBON DIOXIDE'
5 water water
#
_entity_poly.entity_id   1
_entity_poly.type   'polypeptide(L)'
_entity_poly.pdbx_seq_one_letter_code
;MGSSHHHHHHSSGLVPRGSHMSITPPQIVSALRGRGWKASIVKASTMSSELKRVDPQGILKCVDGRGSDNTQFGGPKMPG
GIYAIAHNRGVTTLEGLKDITREVASKGHVPSVHGDHSSDMLGCGFFKLWLTGRFDDMGYPRPEFDADQGALAVRAAGGV
IEMHHGSHEEKVVYINLVSGMTLEPNEHDQRFIVDGWAASKFGLDVVKFLVAAAATVEMLGGPKKAKIVIP
;
_entity_poly.pdbx_strand_id   A,B
#
# COMPACT_ATOMS: atom_id res chain seq x y z
N GLY A 18 24.05 -9.12 13.71
CA GLY A 18 23.63 -8.07 14.69
C GLY A 18 23.96 -8.42 16.13
N SER A 19 22.90 -8.64 16.93
CA SER A 19 23.06 -8.98 18.35
C SER A 19 22.91 -10.49 18.52
N HIS A 20 23.11 -10.99 19.74
CA HIS A 20 22.96 -12.42 19.97
C HIS A 20 22.00 -12.74 21.10
N MET A 21 21.50 -13.96 21.06
CA MET A 21 20.56 -14.47 22.05
C MET A 21 21.27 -14.63 23.40
N SER A 22 21.14 -13.62 24.25
CA SER A 22 21.76 -13.66 25.57
C SER A 22 20.93 -14.52 26.51
N ILE A 23 19.74 -14.91 26.07
CA ILE A 23 18.84 -15.74 26.88
C ILE A 23 18.66 -17.11 26.20
N THR A 24 18.62 -18.17 26.99
CA THR A 24 18.46 -19.52 26.48
C THR A 24 16.99 -19.94 26.42
N PRO A 25 16.66 -20.99 25.65
CA PRO A 25 15.26 -21.42 25.57
C PRO A 25 14.66 -21.78 26.94
N PRO A 26 15.36 -22.59 27.74
CA PRO A 26 14.79 -22.93 29.07
C PRO A 26 14.47 -21.70 29.92
N GLN A 27 15.25 -20.64 29.76
CA GLN A 27 15.03 -19.41 30.50
C GLN A 27 13.79 -18.69 29.98
N ILE A 28 13.64 -18.67 28.65
CA ILE A 28 12.48 -18.03 28.04
C ILE A 28 11.25 -18.66 28.68
N VAL A 29 11.25 -20.00 28.74
CA VAL A 29 10.15 -20.75 29.33
C VAL A 29 9.96 -20.30 30.78
N SER A 30 11.07 -20.14 31.50
CA SER A 30 11.00 -19.71 32.90
C SER A 30 10.38 -18.34 33.02
N ALA A 31 10.89 -17.37 32.24
CA ALA A 31 10.37 -16.02 32.26
C ALA A 31 8.86 -16.00 32.02
N LEU A 32 8.42 -16.67 30.96
CA LEU A 32 7.00 -16.72 30.61
C LEU A 32 6.17 -17.32 31.75
N ARG A 33 6.59 -18.47 32.27
CA ARG A 33 5.87 -19.09 33.37
C ARG A 33 5.75 -18.12 34.53
N GLY A 34 6.80 -17.33 34.74
CA GLY A 34 6.81 -16.35 35.80
C GLY A 34 5.80 -15.23 35.56
N ARG A 35 5.37 -15.10 34.31
CA ARG A 35 4.39 -14.09 33.94
C ARG A 35 3.00 -14.74 33.95
N GLY A 36 2.96 -16.00 34.36
CA GLY A 36 1.70 -16.73 34.43
C GLY A 36 1.36 -17.57 33.21
N TRP A 37 2.35 -17.82 32.36
CA TRP A 37 2.15 -18.59 31.14
C TRP A 37 2.39 -20.09 31.24
N LYS A 38 1.85 -20.81 30.26
CA LYS A 38 2.10 -22.23 30.12
C LYS A 38 3.11 -22.18 28.97
N ALA A 39 4.28 -22.77 29.17
CA ALA A 39 5.29 -22.76 28.13
C ALA A 39 6.12 -24.02 28.11
N SER A 40 6.55 -24.42 26.92
CA SER A 40 7.35 -25.62 26.77
C SER A 40 8.22 -25.46 25.52
N ILE A 41 9.22 -26.32 25.41
CA ILE A 41 10.15 -26.29 24.28
C ILE A 41 9.81 -27.42 23.33
N VAL A 42 9.78 -27.12 22.04
CA VAL A 42 9.48 -28.14 21.05
C VAL A 42 10.61 -28.11 20.02
N LYS A 43 11.03 -29.29 19.57
CA LYS A 43 12.09 -29.40 18.59
C LYS A 43 11.59 -29.14 17.18
N ALA A 44 12.41 -28.48 16.37
CA ALA A 44 12.04 -28.19 14.99
C ALA A 44 11.63 -29.46 14.23
N SER A 45 12.27 -30.58 14.53
CA SER A 45 11.98 -31.82 13.82
C SER A 45 10.51 -32.23 13.90
N THR A 46 9.79 -31.76 14.91
CA THR A 46 8.37 -32.10 15.05
C THR A 46 7.47 -31.22 14.18
N MET A 47 8.06 -30.23 13.50
CA MET A 47 7.30 -29.32 12.65
C MET A 47 7.86 -29.25 11.24
N SER A 48 8.64 -30.26 10.88
CA SER A 48 9.27 -30.32 9.57
C SER A 48 8.28 -29.99 8.47
N SER A 49 7.02 -30.33 8.72
CA SER A 49 5.97 -30.09 7.77
C SER A 49 5.54 -28.62 7.69
N GLU A 50 5.59 -27.93 8.83
CA GLU A 50 5.15 -26.54 8.89
C GLU A 50 6.20 -25.46 8.80
N LEU A 51 7.40 -25.73 9.32
CA LEU A 51 8.48 -24.75 9.30
C LEU A 51 8.92 -24.53 7.87
N LYS A 52 8.84 -23.26 7.43
CA LYS A 52 9.19 -22.89 6.05
C LYS A 52 10.43 -22.00 5.98
N ARG A 53 11.28 -22.24 5.00
CA ARG A 53 12.46 -21.40 4.82
C ARG A 53 11.91 -20.04 4.41
N VAL A 54 12.46 -18.98 4.98
CA VAL A 54 11.99 -17.64 4.65
C VAL A 54 12.18 -17.34 3.16
N ASP A 55 11.17 -16.69 2.56
CA ASP A 55 11.19 -16.28 1.15
C ASP A 55 11.48 -14.79 1.20
N PRO A 56 12.57 -14.33 0.55
CA PRO A 56 12.93 -12.90 0.56
C PRO A 56 11.85 -12.01 -0.02
N GLN A 57 10.96 -12.58 -0.82
CA GLN A 57 9.88 -11.80 -1.41
C GLN A 57 8.71 -11.64 -0.45
N GLY A 58 8.82 -12.31 0.69
CA GLY A 58 7.76 -12.25 1.68
C GLY A 58 7.87 -11.04 2.58
N ILE A 59 6.71 -10.52 2.98
CA ILE A 59 6.74 -9.37 3.88
C ILE A 59 7.05 -9.75 5.33
N LEU A 60 7.84 -8.90 5.98
CA LEU A 60 8.14 -9.06 7.40
C LEU A 60 6.87 -8.45 7.98
N LYS A 61 6.04 -9.28 8.61
CA LYS A 61 4.74 -8.85 9.09
C LYS A 61 4.43 -9.18 10.53
N CYS A 62 3.28 -8.73 10.97
CA CYS A 62 2.85 -8.91 12.36
C CYS A 62 2.63 -10.38 12.75
N VAL A 63 2.70 -10.61 14.07
CA VAL A 63 2.53 -11.92 14.69
C VAL A 63 1.07 -12.36 14.68
N ASP A 64 0.20 -11.41 14.33
CA ASP A 64 -1.25 -11.61 14.22
C ASP A 64 -1.58 -12.96 13.58
N GLY A 65 -2.51 -13.70 14.17
CA GLY A 65 -2.86 -15.00 13.61
C GLY A 65 -4.01 -14.97 12.62
N ARG A 66 -4.58 -13.79 12.39
CA ARG A 66 -5.71 -13.65 11.47
C ARG A 66 -5.38 -13.72 9.98
N GLY A 67 -6.43 -13.97 9.19
CA GLY A 67 -6.25 -14.02 7.75
C GLY A 67 -6.08 -12.60 7.26
N SER A 68 -5.67 -12.44 6.02
CA SER A 68 -5.47 -11.10 5.50
C SER A 68 -5.45 -11.13 3.99
N ASP A 69 -5.13 -9.99 3.37
CA ASP A 69 -5.06 -9.92 1.92
C ASP A 69 -3.61 -10.08 1.45
N ASN A 70 -2.75 -10.59 2.33
CA ASN A 70 -1.34 -10.76 1.97
C ASN A 70 -1.14 -11.70 0.80
N THR A 71 -0.27 -11.33 -0.13
CA THR A 71 0.03 -12.20 -1.27
C THR A 71 1.54 -12.41 -1.28
N GLN A 72 2.21 -11.87 -0.25
CA GLN A 72 3.67 -11.96 -0.14
C GLN A 72 4.03 -12.82 1.06
N PHE A 73 3.89 -14.14 0.87
CA PHE A 73 4.13 -15.12 1.94
C PHE A 73 5.59 -15.42 2.26
N GLY A 74 5.79 -16.07 3.41
CA GLY A 74 7.13 -16.51 3.78
C GLY A 74 8.09 -15.56 4.48
N GLY A 75 7.59 -14.43 4.95
CA GLY A 75 8.45 -13.48 5.65
C GLY A 75 8.44 -13.67 7.17
N PRO A 76 9.40 -13.07 7.88
CA PRO A 76 9.50 -13.17 9.34
C PRO A 76 8.32 -12.50 10.01
N LYS A 77 8.01 -12.96 11.22
CA LYS A 77 6.90 -12.43 11.99
C LYS A 77 7.39 -11.72 13.25
N MET A 78 7.06 -10.43 13.39
CA MET A 78 7.45 -9.63 14.56
C MET A 78 6.23 -8.78 14.95
N PRO A 79 6.08 -8.44 16.25
CA PRO A 79 4.90 -7.62 16.62
C PRO A 79 4.80 -6.32 15.83
N GLY A 80 3.64 -6.10 15.21
CA GLY A 80 3.43 -4.90 14.40
C GLY A 80 4.24 -4.84 13.12
N GLY A 81 4.79 -5.98 12.67
CA GLY A 81 5.61 -5.94 11.46
C GLY A 81 6.88 -5.18 11.80
N ILE A 82 7.29 -4.22 10.99
CA ILE A 82 8.50 -3.50 11.30
C ILE A 82 8.38 -2.61 12.52
N TYR A 83 7.16 -2.37 12.99
CA TYR A 83 7.05 -1.57 14.20
C TYR A 83 7.78 -2.22 15.39
N ALA A 84 7.98 -3.54 15.37
CA ALA A 84 8.65 -4.20 16.51
C ALA A 84 10.07 -3.67 16.64
N ILE A 85 10.66 -3.36 15.49
CA ILE A 85 12.04 -2.86 15.43
C ILE A 85 12.11 -1.42 15.95
N ALA A 86 11.21 -0.57 15.50
CA ALA A 86 11.21 0.82 15.95
C ALA A 86 10.92 0.85 17.47
N HIS A 87 9.96 0.06 17.90
CA HIS A 87 9.57 -0.03 19.32
C HIS A 87 10.74 -0.49 20.20
N ASN A 88 11.41 -1.56 19.79
CA ASN A 88 12.55 -2.07 20.55
C ASN A 88 13.67 -1.04 20.67
N ARG A 89 13.90 -0.30 19.59
CA ARG A 89 14.96 0.70 19.51
C ARG A 89 14.62 2.09 20.06
N GLY A 90 13.37 2.31 20.41
CA GLY A 90 12.98 3.62 20.89
C GLY A 90 12.94 4.64 19.76
N VAL A 91 12.69 4.18 18.53
CA VAL A 91 12.59 5.09 17.38
C VAL A 91 11.13 5.54 17.30
N THR A 92 10.90 6.84 17.44
CA THR A 92 9.54 7.37 17.49
C THR A 92 9.12 8.38 16.44
N THR A 93 9.95 8.60 15.43
CA THR A 93 9.64 9.57 14.38
C THR A 93 9.36 8.92 13.04
N LEU A 94 8.62 9.63 12.19
CA LEU A 94 8.32 9.11 10.85
C LEU A 94 9.58 8.94 10.03
N GLU A 95 10.51 9.90 10.12
CA GLU A 95 11.75 9.74 9.35
C GLU A 95 12.49 8.49 9.81
N GLY A 96 12.52 8.26 11.11
CA GLY A 96 13.20 7.08 11.63
C GLY A 96 12.52 5.79 11.17
N LEU A 97 11.20 5.84 11.06
CA LEU A 97 10.43 4.68 10.63
C LEU A 97 10.75 4.42 9.16
N LYS A 98 10.88 5.48 8.36
CA LYS A 98 11.22 5.29 6.96
C LYS A 98 12.62 4.68 6.86
N ASP A 99 13.53 5.10 7.74
CA ASP A 99 14.88 4.53 7.73
C ASP A 99 14.80 3.02 7.99
N ILE A 100 14.01 2.65 8.99
CA ILE A 100 13.85 1.24 9.32
C ILE A 100 13.22 0.48 8.15
N THR A 101 12.25 1.08 7.49
CA THR A 101 11.60 0.44 6.35
C THR A 101 12.66 0.09 5.30
N ARG A 102 13.52 1.07 5.00
CA ARG A 102 14.57 0.83 4.00
C ARG A 102 15.61 -0.16 4.46
N GLU A 103 15.94 -0.11 5.75
CA GLU A 103 16.91 -1.03 6.36
C GLU A 103 16.43 -2.48 6.19
N VAL A 104 15.16 -2.73 6.52
CA VAL A 104 14.58 -4.06 6.41
C VAL A 104 14.64 -4.54 4.96
N ALA A 105 14.29 -3.65 4.01
CA ALA A 105 14.32 -4.01 2.60
C ALA A 105 15.71 -4.40 2.16
N SER A 106 16.71 -3.69 2.70
CA SER A 106 18.09 -3.96 2.35
C SER A 106 18.63 -5.22 3.02
N LYS A 107 17.90 -5.74 4.00
CA LYS A 107 18.36 -6.91 4.72
C LYS A 107 17.67 -8.24 4.40
N GLY A 108 16.94 -8.28 3.28
CA GLY A 108 16.32 -9.53 2.87
C GLY A 108 14.85 -9.78 3.08
N HIS A 109 14.08 -8.75 3.47
CA HIS A 109 12.65 -8.94 3.68
C HIS A 109 11.90 -7.73 3.16
N VAL A 110 10.65 -7.91 2.76
CA VAL A 110 9.85 -6.77 2.30
C VAL A 110 9.20 -6.22 3.57
N PRO A 111 9.46 -4.96 3.91
CA PRO A 111 8.88 -4.37 5.11
C PRO A 111 7.39 -4.09 5.04
N SER A 112 6.70 -4.31 6.14
CA SER A 112 5.27 -4.02 6.18
C SER A 112 4.75 -3.69 7.56
N VAL A 113 3.55 -3.12 7.55
CA VAL A 113 2.78 -2.86 8.77
C VAL A 113 1.37 -3.20 8.29
N HIS A 114 0.39 -3.24 9.17
CA HIS A 114 -0.94 -3.62 8.70
C HIS A 114 -2.07 -2.97 9.51
N GLY A 115 -3.27 -3.03 8.94
CA GLY A 115 -4.44 -2.53 9.64
C GLY A 115 -5.45 -3.65 9.50
N ASP A 116 -6.72 -3.37 9.75
CA ASP A 116 -7.74 -4.38 9.55
C ASP A 116 -9.01 -3.69 9.11
N HIS A 117 -10.06 -4.46 8.91
CA HIS A 117 -11.31 -3.89 8.44
C HIS A 117 -12.16 -3.25 9.53
N SER A 118 -12.08 -3.78 10.75
CA SER A 118 -12.87 -3.24 11.84
C SER A 118 -12.38 -1.88 12.34
N SER A 119 -11.06 -1.69 12.40
CA SER A 119 -10.48 -0.45 12.93
C SER A 119 -9.49 0.24 11.99
N ASP A 120 -9.45 -0.15 10.73
CA ASP A 120 -8.52 0.44 9.77
C ASP A 120 -7.08 0.37 10.25
N MET A 121 -6.30 1.46 10.16
CA MET A 121 -4.89 1.35 10.58
C MET A 121 -4.66 1.08 12.07
N LEU A 122 -5.69 1.25 12.90
CA LEU A 122 -5.56 0.93 14.32
C LEU A 122 -5.89 -0.56 14.47
N GLY A 123 -6.03 -1.23 13.32
CA GLY A 123 -6.31 -2.65 13.27
C GLY A 123 -5.16 -3.53 13.73
N CYS A 124 -3.96 -2.96 13.88
CA CYS A 124 -2.84 -3.74 14.40
C CYS A 124 -2.83 -3.48 15.90
N GLY A 125 -3.15 -4.51 16.67
CA GLY A 125 -3.23 -4.40 18.11
C GLY A 125 -1.94 -3.95 18.74
N PHE A 126 -0.81 -4.40 18.20
CA PHE A 126 0.47 -3.99 18.74
C PHE A 126 0.66 -2.49 18.61
N PHE A 127 0.46 -1.94 17.42
CA PHE A 127 0.67 -0.51 17.29
C PHE A 127 -0.31 0.30 18.16
N LYS A 128 -1.53 -0.20 18.30
CA LYS A 128 -2.54 0.50 19.11
C LYS A 128 -2.12 0.50 20.58
N LEU A 129 -1.57 -0.63 21.03
CA LEU A 129 -1.11 -0.74 22.41
C LEU A 129 0.02 0.25 22.62
N TRP A 130 0.92 0.33 21.66
CA TRP A 130 2.06 1.22 21.74
C TRP A 130 1.62 2.71 21.73
N LEU A 131 0.80 3.07 20.77
CA LEU A 131 0.30 4.43 20.62
C LEU A 131 -0.47 4.89 21.85
N THR A 132 -1.25 3.99 22.43
CA THR A 132 -2.06 4.38 23.58
C THR A 132 -1.35 4.33 24.92
N GLY A 133 -0.05 4.03 24.90
CA GLY A 133 0.73 4.01 26.14
C GLY A 133 0.70 2.75 26.98
N ARG A 134 0.27 1.64 26.42
CA ARG A 134 0.22 0.41 27.21
C ARG A 134 1.61 -0.13 27.53
N PHE A 135 2.64 0.43 26.89
CA PHE A 135 4.00 0.01 27.18
C PHE A 135 4.71 1.05 28.06
N ASP A 136 3.95 2.05 28.52
CA ASP A 136 4.49 3.10 29.39
C ASP A 136 5.23 2.54 30.60
N ASP A 137 4.61 1.60 31.30
CA ASP A 137 5.22 1.04 32.49
C ASP A 137 6.46 0.21 32.23
N MET A 138 6.62 -0.24 30.99
CA MET A 138 7.81 -0.99 30.62
C MET A 138 8.88 -0.02 30.12
N GLY A 139 8.58 1.27 30.22
CA GLY A 139 9.52 2.32 29.83
C GLY A 139 9.77 2.64 28.38
N TYR A 140 8.82 2.31 27.53
CA TYR A 140 8.99 2.58 26.11
C TYR A 140 8.51 3.94 25.70
N PRO A 141 9.29 4.62 24.86
CA PRO A 141 8.83 5.94 24.40
C PRO A 141 7.68 5.69 23.42
N ARG A 142 6.60 6.43 23.56
CA ARG A 142 5.46 6.27 22.65
C ARG A 142 5.81 6.82 21.28
N PRO A 143 5.17 6.30 20.22
CA PRO A 143 5.52 6.87 18.92
C PRO A 143 5.03 8.31 18.89
N GLU A 144 5.62 9.13 18.03
CA GLU A 144 5.21 10.53 17.93
C GLU A 144 4.39 10.73 16.66
N PHE A 145 3.80 9.66 16.18
CA PHE A 145 2.97 9.73 14.98
C PHE A 145 1.77 8.79 15.19
N ASP A 146 0.71 8.97 14.43
CA ASP A 146 -0.44 8.08 14.61
C ASP A 146 -0.37 6.91 13.61
N ALA A 147 -1.35 6.02 13.69
CA ALA A 147 -1.37 4.82 12.84
C ALA A 147 -1.50 5.11 11.36
N ASP A 148 -2.17 6.21 11.02
CA ASP A 148 -2.35 6.56 9.62
C ASP A 148 -1.06 7.12 9.08
N GLN A 149 -0.42 7.98 9.86
CA GLN A 149 0.85 8.58 9.45
C GLN A 149 1.90 7.50 9.29
N GLY A 150 1.95 6.58 10.24
CA GLY A 150 2.94 5.50 10.18
C GLY A 150 2.78 4.65 8.95
N ALA A 151 1.54 4.21 8.70
CA ALA A 151 1.28 3.36 7.54
C ALA A 151 1.71 4.02 6.24
N LEU A 152 1.36 5.30 6.08
CA LEU A 152 1.71 5.99 4.85
C LEU A 152 3.20 6.25 4.71
N ALA A 153 3.89 6.43 5.84
CA ALA A 153 5.34 6.64 5.79
C ALA A 153 5.99 5.32 5.32
N VAL A 154 5.54 4.20 5.87
CA VAL A 154 6.09 2.89 5.47
C VAL A 154 5.87 2.72 3.96
N ARG A 155 4.66 2.99 3.51
CA ARG A 155 4.33 2.84 2.08
C ARG A 155 5.21 3.72 1.18
N ALA A 156 5.37 4.99 1.57
CA ALA A 156 6.17 5.93 0.80
C ALA A 156 7.66 5.57 0.79
N ALA A 157 8.08 4.76 1.76
CA ALA A 157 9.49 4.36 1.82
C ALA A 157 9.74 3.01 1.14
N GLY A 158 8.72 2.53 0.43
CA GLY A 158 8.85 1.28 -0.31
C GLY A 158 8.29 0.05 0.38
N GLY A 159 7.60 0.26 1.49
CA GLY A 159 7.04 -0.84 2.23
C GLY A 159 5.62 -1.15 1.81
N VAL A 160 5.06 -2.16 2.48
CA VAL A 160 3.73 -2.68 2.21
C VAL A 160 2.73 -2.44 3.35
N ILE A 161 1.48 -2.10 2.99
CA ILE A 161 0.44 -1.96 3.98
C ILE A 161 -0.48 -3.17 3.71
N GLU A 162 -0.49 -4.10 4.65
CA GLU A 162 -1.31 -5.31 4.55
C GLU A 162 -2.62 -5.06 5.31
N MET A 163 -3.68 -5.77 4.93
CA MET A 163 -4.95 -5.59 5.63
C MET A 163 -5.51 -6.94 6.09
N HIS A 164 -5.72 -7.06 7.40
CA HIS A 164 -6.26 -8.28 8.00
C HIS A 164 -7.78 -8.21 8.09
N HIS A 165 -8.42 -9.34 8.36
CA HIS A 165 -9.88 -9.38 8.49
C HIS A 165 -10.23 -10.39 9.55
N GLY A 166 -11.44 -10.31 10.07
CA GLY A 166 -11.88 -11.26 11.07
C GLY A 166 -11.50 -10.95 12.50
N SER A 167 -11.81 -11.88 13.38
CA SER A 167 -11.52 -11.72 14.80
C SER A 167 -10.28 -12.51 15.18
N HIS A 168 -9.64 -12.09 16.28
CA HIS A 168 -8.48 -12.78 16.81
C HIS A 168 -8.97 -14.06 17.47
N GLU A 169 -8.49 -15.20 17.01
CA GLU A 169 -8.93 -16.48 17.59
C GLU A 169 -7.73 -17.38 17.85
N GLU A 170 -6.57 -16.77 18.06
CA GLU A 170 -5.33 -17.51 18.32
C GLU A 170 -5.47 -18.48 19.49
N LYS A 171 -4.97 -19.71 19.33
CA LYS A 171 -5.03 -20.74 20.37
C LYS A 171 -3.69 -21.00 21.07
N VAL A 172 -2.60 -20.52 20.48
CA VAL A 172 -1.28 -20.74 21.06
C VAL A 172 -0.30 -19.73 20.46
N VAL A 173 0.89 -19.61 21.06
CA VAL A 173 1.93 -18.70 20.58
C VAL A 173 3.15 -19.54 20.27
N TYR A 174 3.66 -19.43 19.05
CA TYR A 174 4.89 -20.14 18.71
C TYR A 174 6.00 -19.09 18.73
N ILE A 175 7.06 -19.38 19.48
CA ILE A 175 8.21 -18.48 19.54
C ILE A 175 9.28 -19.26 18.84
N ASN A 176 9.48 -18.93 17.57
CA ASN A 176 10.43 -19.62 16.71
C ASN A 176 11.85 -19.06 16.82
N LEU A 177 12.77 -19.93 17.24
CA LEU A 177 14.17 -19.54 17.38
C LEU A 177 15.02 -20.18 16.28
N VAL A 178 14.38 -20.82 15.30
CA VAL A 178 15.12 -21.47 14.20
C VAL A 178 15.40 -20.44 13.12
N SER A 179 16.65 -20.03 13.05
N SER A 179 16.63 -19.97 13.09
CA SER A 179 17.07 -19.02 12.10
CA SER A 179 17.01 -18.93 12.13
C SER A 179 16.70 -19.29 10.65
C SER A 179 16.71 -19.27 10.68
N GLY A 180 16.26 -18.25 9.96
CA GLY A 180 15.93 -18.39 8.55
C GLY A 180 14.66 -19.13 8.20
N MET A 181 13.87 -19.48 9.21
N MET A 181 13.87 -19.49 9.21
CA MET A 181 12.62 -20.21 8.98
CA MET A 181 12.62 -20.21 8.95
C MET A 181 11.46 -19.43 9.59
C MET A 181 11.47 -19.52 9.66
N THR A 182 10.24 -19.77 9.20
CA THR A 182 9.09 -19.11 9.80
C THR A 182 7.87 -20.02 9.71
N LEU A 183 6.79 -19.58 10.34
CA LEU A 183 5.53 -20.33 10.32
C LEU A 183 4.51 -19.35 9.77
N GLU A 184 3.48 -19.86 9.09
CA GLU A 184 2.47 -19.01 8.47
C GLU A 184 1.11 -19.01 9.14
N PRO A 185 0.32 -17.94 8.90
CA PRO A 185 -1.01 -17.84 9.50
C PRO A 185 -1.96 -18.93 8.99
N ASN A 186 -2.91 -19.30 9.83
CA ASN A 186 -3.94 -20.27 9.47
C ASN A 186 -5.17 -19.61 10.06
N GLU A 187 -5.94 -18.89 9.24
CA GLU A 187 -7.09 -18.20 9.81
C GLU A 187 -8.16 -19.07 10.45
N HIS A 188 -8.21 -20.35 10.08
CA HIS A 188 -9.22 -21.24 10.67
C HIS A 188 -8.73 -22.03 11.88
N ASP A 189 -7.43 -21.95 12.17
CA ASP A 189 -6.82 -22.63 13.31
C ASP A 189 -5.63 -21.73 13.66
N GLN A 190 -5.97 -20.56 14.19
CA GLN A 190 -4.99 -19.52 14.48
C GLN A 190 -3.95 -19.70 15.56
N ARG A 191 -2.84 -19.01 15.35
CA ARG A 191 -1.76 -19.02 16.31
C ARG A 191 -0.95 -17.75 16.11
N PHE A 192 -0.35 -17.26 17.21
CA PHE A 192 0.51 -16.08 17.11
C PHE A 192 1.86 -16.70 16.77
N ILE A 193 2.63 -16.06 15.90
CA ILE A 193 3.93 -16.60 15.52
C ILE A 193 4.91 -15.47 15.77
N VAL A 194 5.97 -15.75 16.51
CA VAL A 194 6.98 -14.74 16.82
C VAL A 194 8.34 -15.30 16.40
N ASP A 195 8.95 -14.71 15.38
CA ASP A 195 10.26 -15.18 14.93
C ASP A 195 11.34 -14.48 15.76
N GLY A 196 11.64 -15.08 16.91
CA GLY A 196 12.64 -14.51 17.80
C GLY A 196 14.03 -14.41 17.20
N TRP A 197 14.33 -15.32 16.27
CA TRP A 197 15.64 -15.28 15.63
C TRP A 197 15.83 -13.99 14.83
N ALA A 198 14.73 -13.40 14.36
CA ALA A 198 14.78 -12.17 13.55
C ALA A 198 15.20 -10.96 14.38
N ALA A 199 14.91 -10.99 15.69
CA ALA A 199 15.28 -9.90 16.57
C ALA A 199 16.80 -9.81 16.57
N SER A 200 17.47 -10.96 16.63
N SER A 200 17.46 -10.96 16.63
CA SER A 200 18.93 -11.00 16.62
CA SER A 200 18.91 -11.02 16.62
C SER A 200 19.47 -10.45 15.30
C SER A 200 19.46 -10.46 15.30
N LYS A 201 18.83 -10.86 14.20
CA LYS A 201 19.25 -10.40 12.89
C LYS A 201 19.26 -8.88 12.79
N PHE A 202 18.28 -8.23 13.42
CA PHE A 202 18.22 -6.77 13.37
C PHE A 202 18.88 -6.06 14.56
N GLY A 203 19.77 -6.77 15.25
CA GLY A 203 20.47 -6.19 16.37
C GLY A 203 19.62 -5.69 17.53
N LEU A 204 18.45 -6.27 17.70
CA LEU A 204 17.56 -5.85 18.78
C LEU A 204 17.95 -6.44 20.13
N ASP A 205 17.44 -5.84 21.18
CA ASP A 205 17.64 -6.35 22.53
C ASP A 205 16.66 -7.51 22.51
N VAL A 206 17.17 -8.73 22.35
CA VAL A 206 16.29 -9.89 22.25
C VAL A 206 15.39 -10.16 23.44
N VAL A 207 15.94 -10.03 24.64
CA VAL A 207 15.12 -10.25 25.82
C VAL A 207 13.97 -9.24 25.82
N LYS A 208 14.26 -7.96 25.60
CA LYS A 208 13.18 -6.98 25.59
C LYS A 208 12.17 -7.29 24.49
N PHE A 209 12.67 -7.71 23.33
CA PHE A 209 11.80 -8.06 22.21
C PHE A 209 10.83 -9.17 22.58
N LEU A 210 11.35 -10.22 23.23
CA LEU A 210 10.49 -11.34 23.60
C LEU A 210 9.52 -10.99 24.71
N VAL A 211 9.97 -10.18 25.67
CA VAL A 211 9.08 -9.79 26.77
C VAL A 211 7.96 -8.91 26.19
N ALA A 212 8.30 -8.06 25.23
CA ALA A 212 7.31 -7.17 24.61
C ALA A 212 6.29 -7.98 23.82
N ALA A 213 6.77 -9.03 23.16
CA ALA A 213 5.89 -9.88 22.38
C ALA A 213 4.93 -10.58 23.36
N ALA A 214 5.46 -11.01 24.50
CA ALA A 214 4.63 -11.69 25.51
C ALA A 214 3.57 -10.74 26.07
N ALA A 215 3.99 -9.53 26.39
CA ALA A 215 3.08 -8.52 26.93
C ALA A 215 1.97 -8.22 25.93
N THR A 216 2.34 -8.22 24.65
CA THR A 216 1.38 -7.93 23.59
C THR A 216 0.26 -8.95 23.59
N VAL A 217 0.62 -10.23 23.63
CA VAL A 217 -0.37 -11.29 23.62
C VAL A 217 -1.25 -11.14 24.85
N GLU A 218 -0.62 -10.86 25.98
CA GLU A 218 -1.33 -10.68 27.24
C GLU A 218 -2.34 -9.54 27.16
N MET A 219 -1.87 -8.36 26.79
CA MET A 219 -2.74 -7.18 26.69
C MET A 219 -3.81 -7.27 25.60
N LEU A 220 -3.62 -8.15 24.63
CA LEU A 220 -4.62 -8.31 23.57
C LEU A 220 -5.57 -9.41 24.04
N GLY A 221 -5.33 -9.88 25.26
CA GLY A 221 -6.14 -10.93 25.85
C GLY A 221 -6.00 -12.24 25.10
N GLY A 222 -4.81 -12.49 24.56
CA GLY A 222 -4.57 -13.71 23.81
C GLY A 222 -4.24 -14.86 24.73
N PRO A 223 -4.07 -16.09 24.19
CA PRO A 223 -3.75 -17.25 25.01
C PRO A 223 -2.32 -17.23 25.55
N LYS A 224 -2.18 -17.37 26.86
CA LYS A 224 -0.87 -17.37 27.46
C LYS A 224 -0.30 -18.78 27.48
N LYS A 225 -0.18 -19.34 26.28
CA LYS A 225 0.34 -20.68 26.07
C LYS A 225 1.37 -20.55 24.96
N ALA A 226 2.59 -20.99 25.22
CA ALA A 226 3.67 -20.86 24.24
C ALA A 226 4.45 -22.13 23.97
N LYS A 227 4.93 -22.25 22.75
CA LYS A 227 5.77 -23.36 22.36
C LYS A 227 7.00 -22.68 21.76
N ILE A 228 8.15 -22.96 22.34
CA ILE A 228 9.41 -22.38 21.90
C ILE A 228 10.10 -23.36 20.95
N VAL A 229 10.21 -22.98 19.68
CA VAL A 229 10.80 -23.88 18.70
C VAL A 229 12.31 -23.70 18.56
N ILE A 230 13.05 -24.78 18.76
CA ILE A 230 14.51 -24.77 18.65
C ILE A 230 15.02 -25.81 17.66
N PRO A 231 16.21 -25.57 17.06
CA PRO A 231 16.79 -26.50 16.09
C PRO A 231 16.82 -27.93 16.59
N ILE B 23 -19.03 12.38 -27.82
CA ILE B 23 -18.09 13.34 -28.39
C ILE B 23 -17.27 12.69 -29.50
N THR B 24 -17.02 13.44 -30.58
CA THR B 24 -16.28 12.96 -31.73
C THR B 24 -14.85 13.48 -31.79
N PRO B 25 -14.00 12.90 -32.68
CA PRO B 25 -12.62 13.36 -32.80
C PRO B 25 -12.46 14.83 -33.19
N PRO B 26 -13.20 15.30 -34.21
CA PRO B 26 -13.07 16.70 -34.60
C PRO B 26 -13.43 17.61 -33.42
N GLN B 27 -14.37 17.15 -32.60
CA GLN B 27 -14.80 17.93 -31.43
C GLN B 27 -13.68 18.00 -30.39
N ILE B 28 -13.04 16.87 -30.12
CA ILE B 28 -11.96 16.87 -29.14
C ILE B 28 -10.82 17.69 -29.70
N VAL B 29 -10.56 17.53 -31.00
CA VAL B 29 -9.48 18.27 -31.62
C VAL B 29 -9.71 19.78 -31.56
N SER B 30 -10.89 20.23 -31.96
N SER B 30 -10.89 20.23 -31.96
CA SER B 30 -11.18 21.66 -31.95
CA SER B 30 -11.18 21.66 -31.94
C SER B 30 -11.11 22.22 -30.52
C SER B 30 -11.08 22.20 -30.52
N ALA B 31 -11.63 21.45 -29.57
CA ALA B 31 -11.61 21.86 -28.16
C ALA B 31 -10.19 22.10 -27.66
N LEU B 32 -9.30 21.13 -27.92
CA LEU B 32 -7.92 21.30 -27.48
C LEU B 32 -7.22 22.44 -28.24
N ARG B 33 -7.45 22.55 -29.54
CA ARG B 33 -6.81 23.63 -30.28
C ARG B 33 -7.30 24.97 -29.72
N GLY B 34 -8.55 25.00 -29.30
CA GLY B 34 -9.12 26.21 -28.73
C GLY B 34 -8.44 26.62 -27.44
N ARG B 35 -7.81 25.66 -26.76
CA ARG B 35 -7.12 25.93 -25.50
C ARG B 35 -5.64 26.14 -25.79
N GLY B 36 -5.29 26.27 -27.07
CA GLY B 36 -3.91 26.50 -27.42
C GLY B 36 -3.07 25.26 -27.59
N TRP B 37 -3.73 24.11 -27.69
CA TRP B 37 -3.01 22.85 -27.88
C TRP B 37 -2.76 22.51 -29.33
N LYS B 38 -1.79 21.63 -29.56
CA LYS B 38 -1.51 21.07 -30.85
C LYS B 38 -2.22 19.72 -30.65
N ALA B 39 -2.99 19.27 -31.62
CA ALA B 39 -3.71 18.02 -31.49
C ALA B 39 -3.92 17.37 -32.83
N SER B 40 -3.74 16.06 -32.88
CA SER B 40 -3.93 15.35 -34.12
C SER B 40 -4.49 13.96 -33.84
N ILE B 41 -4.94 13.30 -34.90
CA ILE B 41 -5.54 11.98 -34.83
C ILE B 41 -4.51 10.90 -35.16
N VAL B 42 -4.57 9.79 -34.43
CA VAL B 42 -3.69 8.66 -34.72
C VAL B 42 -4.57 7.43 -34.82
N LYS B 43 -4.40 6.67 -35.88
CA LYS B 43 -5.19 5.45 -36.07
C LYS B 43 -4.66 4.30 -35.22
N ALA B 44 -5.58 3.56 -34.60
CA ALA B 44 -5.18 2.43 -33.75
C ALA B 44 -4.24 1.43 -34.46
N SER B 45 -4.45 1.18 -35.75
CA SER B 45 -3.59 0.24 -36.46
C SER B 45 -2.12 0.63 -36.43
N THR B 46 -1.84 1.94 -36.43
CA THR B 46 -0.45 2.39 -36.40
C THR B 46 0.13 2.35 -34.98
N MET B 47 -0.72 1.99 -34.03
N MET B 47 -0.71 1.99 -34.02
CA MET B 47 -0.34 1.91 -32.62
CA MET B 47 -0.27 1.90 -32.63
C MET B 47 -0.47 0.48 -32.10
C MET B 47 -0.43 0.47 -32.11
N SER B 48 -0.50 -0.49 -33.01
CA SER B 48 -0.65 -1.90 -32.63
C SER B 48 0.41 -2.43 -31.67
N SER B 49 1.62 -1.91 -31.75
CA SER B 49 2.69 -2.36 -30.88
C SER B 49 2.61 -1.75 -29.47
N GLU B 50 1.80 -0.72 -29.30
CA GLU B 50 1.69 -0.07 -28.00
C GLU B 50 0.36 -0.30 -27.29
N LEU B 51 -0.72 -0.35 -28.06
CA LEU B 51 -2.04 -0.59 -27.49
C LEU B 51 -2.07 -1.97 -26.88
N LYS B 52 -2.55 -2.06 -25.63
CA LYS B 52 -2.65 -3.31 -24.88
C LYS B 52 -4.10 -3.58 -24.48
N ARG B 53 -4.55 -4.83 -24.60
CA ARG B 53 -5.91 -5.17 -24.20
C ARG B 53 -5.96 -4.95 -22.67
N VAL B 54 -7.03 -4.36 -22.16
CA VAL B 54 -7.13 -4.12 -20.71
C VAL B 54 -7.23 -5.43 -19.94
N ASP B 55 -6.30 -5.62 -19.00
CA ASP B 55 -6.22 -6.80 -18.14
C ASP B 55 -6.98 -6.41 -16.88
N PRO B 56 -8.07 -7.15 -16.56
CA PRO B 56 -8.87 -6.84 -15.37
C PRO B 56 -8.10 -6.82 -14.06
N GLN B 57 -6.94 -7.46 -14.03
CA GLN B 57 -6.12 -7.49 -12.82
C GLN B 57 -5.22 -6.26 -12.74
N GLY B 58 -5.26 -5.44 -13.78
CA GLY B 58 -4.45 -4.23 -13.80
C GLY B 58 -5.13 -3.14 -13.00
N ILE B 59 -4.34 -2.26 -12.39
CA ILE B 59 -4.95 -1.18 -11.64
C ILE B 59 -5.38 -0.03 -12.53
N LEU B 60 -6.52 0.56 -12.20
CA LEU B 60 -7.01 1.74 -12.91
C LEU B 60 -6.17 2.80 -12.19
N LYS B 61 -5.24 3.38 -12.93
CA LYS B 61 -4.31 4.32 -12.34
C LYS B 61 -4.24 5.68 -13.00
N CYS B 62 -3.41 6.54 -12.44
CA CYS B 62 -3.29 7.89 -12.93
C CYS B 62 -2.69 7.97 -14.32
N VAL B 63 -2.93 9.12 -14.97
CA VAL B 63 -2.45 9.41 -16.32
C VAL B 63 -0.95 9.73 -16.30
N ASP B 64 -0.43 9.92 -15.08
CA ASP B 64 1.00 10.21 -14.81
C ASP B 64 1.91 9.41 -15.75
N GLY B 65 2.92 10.06 -16.34
CA GLY B 65 3.81 9.34 -17.25
C GLY B 65 5.03 8.71 -16.58
N ARG B 66 5.22 8.95 -15.30
CA ARG B 66 6.39 8.41 -14.59
C ARG B 66 6.42 6.94 -14.26
N GLY B 67 7.62 6.45 -13.96
CA GLY B 67 7.79 5.07 -13.56
C GLY B 67 7.25 4.96 -12.14
N SER B 68 6.99 3.74 -11.69
CA SER B 68 6.46 3.55 -10.35
C SER B 68 6.70 2.12 -9.93
N ASP B 69 6.19 1.76 -8.76
CA ASP B 69 6.34 0.40 -8.27
C ASP B 69 5.14 -0.46 -8.63
N ASN B 70 4.37 -0.04 -9.65
CA ASN B 70 3.21 -0.81 -10.07
C ASN B 70 3.67 -2.16 -10.59
N THR B 71 2.95 -3.22 -10.26
CA THR B 71 3.28 -4.55 -10.74
C THR B 71 2.02 -5.09 -11.39
N GLN B 72 0.96 -4.29 -11.34
CA GLN B 72 -0.34 -4.67 -11.88
C GLN B 72 -0.62 -3.86 -13.15
N PHE B 73 -0.04 -4.31 -14.26
CA PHE B 73 -0.17 -3.63 -15.54
C PHE B 73 -1.47 -3.86 -16.32
N GLY B 74 -1.66 -3.04 -17.36
CA GLY B 74 -2.83 -3.23 -18.21
C GLY B 74 -4.14 -2.60 -17.81
N GLY B 75 -4.12 -1.78 -16.77
CA GLY B 75 -5.35 -1.12 -16.36
C GLY B 75 -5.58 0.24 -17.04
N PRO B 76 -6.82 0.76 -17.03
CA PRO B 76 -7.22 2.03 -17.64
C PRO B 76 -6.56 3.20 -16.92
N LYS B 77 -6.31 4.28 -17.66
CA LYS B 77 -5.69 5.48 -17.10
C LYS B 77 -6.65 6.66 -17.01
N MET B 78 -6.79 7.23 -15.81
CA MET B 78 -7.66 8.38 -15.62
C MET B 78 -6.96 9.32 -14.62
N PRO B 79 -7.23 10.64 -14.70
CA PRO B 79 -6.55 11.56 -13.76
C PRO B 79 -6.75 11.20 -12.28
N GLY B 80 -5.64 11.04 -11.56
CA GLY B 80 -5.70 10.69 -10.15
C GLY B 80 -6.20 9.28 -9.88
N GLY B 81 -6.17 8.42 -10.90
CA GLY B 81 -6.67 7.07 -10.72
C GLY B 81 -8.17 7.17 -10.53
N ILE B 82 -8.72 6.52 -9.50
CA ILE B 82 -10.16 6.62 -9.30
C ILE B 82 -10.65 8.01 -8.89
N TYR B 83 -9.73 8.89 -8.52
CA TYR B 83 -10.17 10.23 -8.15
C TYR B 83 -10.87 10.91 -9.32
N ALA B 84 -10.54 10.52 -10.56
CA ALA B 84 -11.17 11.14 -11.71
C ALA B 84 -12.68 10.97 -11.65
N ILE B 85 -13.09 9.79 -11.19
CA ILE B 85 -14.52 9.45 -11.06
C ILE B 85 -15.19 10.30 -10.00
N ALA B 86 -14.62 10.36 -8.80
CA ALA B 86 -15.18 11.18 -7.72
C ALA B 86 -15.27 12.66 -8.11
N HIS B 87 -14.19 13.17 -8.70
CA HIS B 87 -14.11 14.55 -9.13
C HIS B 87 -15.20 14.87 -10.16
N ASN B 88 -15.36 13.99 -11.15
CA ASN B 88 -16.35 14.22 -12.21
C ASN B 88 -17.78 14.19 -11.67
N ARG B 89 -18.06 13.25 -10.77
CA ARG B 89 -19.40 13.10 -10.18
C ARG B 89 -19.66 14.08 -9.05
N GLY B 90 -18.62 14.78 -8.60
CA GLY B 90 -18.79 15.72 -7.51
C GLY B 90 -18.88 15.00 -6.18
N VAL B 91 -18.28 13.82 -6.09
CA VAL B 91 -18.27 13.02 -4.86
C VAL B 91 -17.08 13.50 -4.02
N THR B 92 -17.36 14.00 -2.83
CA THR B 92 -16.35 14.58 -1.98
C THR B 92 -16.10 13.95 -0.61
N THR B 93 -16.78 12.85 -0.31
CA THR B 93 -16.64 12.21 0.99
C THR B 93 -15.82 10.93 1.00
N LEU B 94 -15.23 10.61 2.14
CA LEU B 94 -14.43 9.40 2.25
C LEU B 94 -15.30 8.17 2.01
N GLU B 95 -16.54 8.21 2.49
CA GLU B 95 -17.44 7.09 2.29
C GLU B 95 -17.77 6.96 0.80
N GLY B 96 -17.96 8.09 0.14
CA GLY B 96 -18.25 8.11 -1.28
C GLY B 96 -17.07 7.56 -2.06
N LEU B 97 -15.87 7.87 -1.59
CA LEU B 97 -14.65 7.39 -2.23
C LEU B 97 -14.53 5.87 -2.05
N LYS B 98 -14.90 5.37 -0.88
CA LYS B 98 -14.83 3.93 -0.64
C LYS B 98 -15.83 3.20 -1.54
N ASP B 99 -16.99 3.82 -1.76
CA ASP B 99 -18.01 3.23 -2.61
C ASP B 99 -17.45 3.12 -4.03
N ILE B 100 -16.86 4.22 -4.50
CA ILE B 100 -16.27 4.24 -5.84
C ILE B 100 -15.20 3.17 -5.96
N THR B 101 -14.42 2.98 -4.90
CA THR B 101 -13.38 1.96 -4.90
C THR B 101 -14.01 0.58 -5.14
N ARG B 102 -15.10 0.29 -4.43
CA ARG B 102 -15.77 -1.00 -4.59
C ARG B 102 -16.45 -1.08 -5.97
N GLU B 103 -17.01 0.03 -6.42
CA GLU B 103 -17.67 0.07 -7.73
C GLU B 103 -16.70 -0.33 -8.83
N VAL B 104 -15.51 0.29 -8.81
CA VAL B 104 -14.48 0.00 -9.80
C VAL B 104 -14.02 -1.44 -9.76
N ALA B 105 -13.88 -1.99 -8.55
CA ALA B 105 -13.46 -3.37 -8.39
C ALA B 105 -14.53 -4.28 -8.98
N SER B 106 -15.79 -3.89 -8.82
CA SER B 106 -16.91 -4.69 -9.32
C SER B 106 -17.08 -4.59 -10.83
N LYS B 107 -16.39 -3.63 -11.45
CA LYS B 107 -16.49 -3.45 -12.89
C LYS B 107 -15.32 -3.89 -13.73
N GLY B 108 -14.46 -4.74 -13.18
CA GLY B 108 -13.34 -5.27 -13.95
C GLY B 108 -11.96 -4.65 -13.86
N HIS B 109 -11.70 -3.83 -12.84
CA HIS B 109 -10.38 -3.21 -12.72
C HIS B 109 -10.01 -3.11 -11.24
N VAL B 110 -8.72 -3.06 -10.94
CA VAL B 110 -8.31 -2.91 -9.55
C VAL B 110 -8.16 -1.41 -9.31
N PRO B 111 -8.99 -0.82 -8.43
CA PRO B 111 -8.95 0.61 -8.13
C PRO B 111 -7.68 1.05 -7.42
N SER B 112 -7.17 2.22 -7.79
CA SER B 112 -5.97 2.74 -7.15
C SER B 112 -5.90 4.23 -7.18
N VAL B 113 -5.03 4.75 -6.32
CA VAL B 113 -4.69 6.17 -6.28
C VAL B 113 -3.20 6.09 -6.05
N HIS B 114 -2.50 7.21 -6.10
CA HIS B 114 -1.06 7.08 -5.92
C HIS B 114 -0.43 8.31 -5.30
N GLY B 115 0.84 8.18 -4.93
CA GLY B 115 1.62 9.28 -4.40
C GLY B 115 2.98 9.12 -5.05
N ASP B 116 4.01 9.78 -4.51
CA ASP B 116 5.35 9.58 -5.05
C ASP B 116 6.34 9.64 -3.90
N HIS B 117 7.60 9.31 -4.18
CA HIS B 117 8.60 9.27 -3.13
C HIS B 117 9.01 10.61 -2.53
N SER B 118 8.93 11.68 -3.32
CA SER B 118 9.32 13.00 -2.81
C SER B 118 8.20 13.77 -2.08
N SER B 119 6.95 13.67 -2.54
CA SER B 119 5.85 14.38 -1.90
C SER B 119 4.87 13.45 -1.19
N ASP B 120 5.21 12.17 -1.11
CA ASP B 120 4.32 11.18 -0.50
C ASP B 120 2.93 11.27 -1.13
N MET B 121 1.85 11.32 -0.35
CA MET B 121 0.54 11.32 -1.02
C MET B 121 0.18 12.57 -1.82
N LEU B 122 0.96 13.65 -1.71
CA LEU B 122 0.68 14.78 -2.55
C LEU B 122 1.42 14.62 -3.88
N GLY B 123 2.00 13.43 -4.07
CA GLY B 123 2.71 13.08 -5.30
C GLY B 123 1.83 12.93 -6.54
N CYS B 124 0.51 12.96 -6.35
CA CYS B 124 -0.39 12.90 -7.52
C CYS B 124 -0.82 14.34 -7.83
N GLY B 125 -0.36 14.84 -8.98
CA GLY B 125 -0.66 16.19 -9.40
C GLY B 125 -2.14 16.48 -9.48
N PHE B 126 -2.90 15.52 -10.01
CA PHE B 126 -4.34 15.73 -10.12
C PHE B 126 -4.99 15.95 -8.76
N PHE B 127 -4.75 15.06 -7.80
CA PHE B 127 -5.38 15.24 -6.52
C PHE B 127 -4.90 16.49 -5.82
N LYS B 128 -3.63 16.84 -6.01
CA LYS B 128 -3.09 18.06 -5.39
C LYS B 128 -3.83 19.28 -5.96
N LEU B 129 -4.02 19.30 -7.28
CA LEU B 129 -4.75 20.41 -7.91
C LEU B 129 -6.15 20.54 -7.33
N TRP B 130 -6.82 19.40 -7.15
CA TRP B 130 -8.18 19.37 -6.62
C TRP B 130 -8.21 19.84 -5.15
N LEU B 131 -7.32 19.30 -4.33
N LEU B 131 -7.32 19.30 -4.34
CA LEU B 131 -7.29 19.67 -2.92
CA LEU B 131 -7.24 19.67 -2.92
C LEU B 131 -6.87 21.13 -2.71
C LEU B 131 -6.87 21.13 -2.71
N THR B 132 -5.92 21.64 -3.50
CA THR B 132 -5.50 23.02 -3.32
C THR B 132 -6.58 24.03 -3.78
N GLY B 133 -7.52 23.57 -4.60
CA GLY B 133 -8.58 24.44 -5.09
C GLY B 133 -8.40 24.96 -6.51
N ARG B 134 -7.52 24.33 -7.28
CA ARG B 134 -7.28 24.81 -8.63
C ARG B 134 -8.41 24.46 -9.61
N PHE B 135 -9.43 23.74 -9.14
CA PHE B 135 -10.59 23.44 -9.99
C PHE B 135 -11.77 24.30 -9.51
N ASP B 136 -11.51 25.26 -8.63
CA ASP B 136 -12.57 26.13 -8.12
C ASP B 136 -13.22 26.87 -9.29
N ASP B 137 -12.40 27.47 -10.13
CA ASP B 137 -12.91 28.23 -11.28
C ASP B 137 -13.75 27.40 -12.26
N MET B 138 -13.58 26.09 -12.23
CA MET B 138 -14.33 25.24 -13.14
C MET B 138 -15.58 24.70 -12.46
N GLY B 139 -15.93 25.27 -11.30
CA GLY B 139 -17.13 24.87 -10.58
C GLY B 139 -17.13 23.60 -9.75
N TYR B 140 -15.96 23.02 -9.52
CA TYR B 140 -15.85 21.79 -8.76
C TYR B 140 -15.84 22.03 -7.26
N PRO B 141 -16.49 21.15 -6.49
CA PRO B 141 -16.52 21.29 -5.04
C PRO B 141 -15.19 20.70 -4.57
N ARG B 142 -14.73 21.09 -3.39
CA ARG B 142 -13.46 20.58 -2.84
C ARG B 142 -13.65 19.21 -2.23
N PRO B 143 -12.58 18.38 -2.22
CA PRO B 143 -12.69 17.06 -1.60
C PRO B 143 -12.80 17.35 -0.09
N GLU B 144 -13.50 16.53 0.68
CA GLU B 144 -13.61 16.82 2.11
C GLU B 144 -12.58 16.05 2.91
N PHE B 145 -11.52 15.61 2.26
CA PHE B 145 -10.47 14.84 2.91
C PHE B 145 -9.12 15.23 2.30
N ASP B 146 -8.02 14.97 3.03
CA ASP B 146 -6.70 15.28 2.48
C ASP B 146 -6.15 14.05 1.75
N ALA B 147 -4.96 14.19 1.16
CA ALA B 147 -4.41 13.08 0.39
C ALA B 147 -4.06 11.83 1.22
N ASP B 148 -3.75 12.01 2.49
CA ASP B 148 -3.43 10.85 3.31
C ASP B 148 -4.70 10.10 3.62
N GLN B 149 -5.74 10.84 4.02
CA GLN B 149 -7.02 10.22 4.34
C GLN B 149 -7.59 9.49 3.11
N GLY B 150 -7.50 10.12 1.95
CA GLY B 150 -8.04 9.50 0.76
C GLY B 150 -7.36 8.18 0.43
N ALA B 151 -6.03 8.20 0.48
CA ALA B 151 -5.26 7.00 0.17
C ALA B 151 -5.61 5.83 1.08
N LEU B 152 -5.66 6.09 2.39
CA LEU B 152 -5.96 5.03 3.34
C LEU B 152 -7.39 4.50 3.21
N ALA B 153 -8.33 5.36 2.81
CA ALA B 153 -9.71 4.92 2.64
C ALA B 153 -9.72 3.96 1.45
N VAL B 154 -9.10 4.36 0.36
CA VAL B 154 -9.03 3.51 -0.82
C VAL B 154 -8.39 2.17 -0.45
N ARG B 155 -7.25 2.19 0.24
CA ARG B 155 -6.58 0.95 0.62
C ARG B 155 -7.50 0.08 1.48
N ALA B 156 -8.10 0.68 2.48
CA ALA B 156 -8.99 -0.05 3.39
C ALA B 156 -10.16 -0.69 2.65
N ALA B 157 -10.61 -0.05 1.59
CA ALA B 157 -11.72 -0.56 0.81
C ALA B 157 -11.32 -1.61 -0.22
N GLY B 158 -10.06 -2.05 -0.17
CA GLY B 158 -9.59 -3.07 -1.08
C GLY B 158 -8.80 -2.55 -2.26
N GLY B 159 -8.55 -1.25 -2.26
CA GLY B 159 -7.80 -0.62 -3.33
C GLY B 159 -6.29 -0.70 -3.17
N VAL B 160 -5.61 -0.10 -4.13
CA VAL B 160 -4.16 -0.12 -4.17
C VAL B 160 -3.60 1.29 -4.05
N ILE B 161 -2.48 1.43 -3.36
CA ILE B 161 -1.82 2.73 -3.29
C ILE B 161 -0.51 2.50 -4.03
N GLU B 162 -0.39 3.15 -5.20
CA GLU B 162 0.78 3.04 -6.05
C GLU B 162 1.78 4.13 -5.68
N MET B 163 3.08 3.89 -5.91
CA MET B 163 4.10 4.90 -5.63
C MET B 163 5.04 5.20 -6.81
N HIS B 164 4.98 6.43 -7.30
CA HIS B 164 5.82 6.84 -8.40
C HIS B 164 7.15 7.37 -7.90
N HIS B 165 8.09 7.48 -8.83
CA HIS B 165 9.41 8.01 -8.48
C HIS B 165 9.87 8.87 -9.64
N GLY B 166 10.88 9.69 -9.38
CA GLY B 166 11.42 10.55 -10.42
C GLY B 166 10.57 11.76 -10.69
N SER B 167 10.98 12.52 -11.71
CA SER B 167 10.28 13.74 -12.09
C SER B 167 9.46 13.57 -13.37
N HIS B 168 8.51 14.48 -13.55
CA HIS B 168 7.65 14.49 -14.72
C HIS B 168 8.43 14.90 -15.96
N GLU B 169 8.46 14.02 -16.96
N GLU B 169 8.45 14.02 -16.96
CA GLU B 169 9.17 14.29 -18.20
CA GLU B 169 9.15 14.32 -18.20
C GLU B 169 8.28 13.97 -19.40
C GLU B 169 8.28 13.99 -19.41
N GLU B 170 6.96 14.08 -19.24
CA GLU B 170 6.04 13.78 -20.32
C GLU B 170 6.25 14.66 -21.57
N LYS B 171 6.20 14.04 -22.75
CA LYS B 171 6.40 14.76 -24.01
C LYS B 171 5.13 14.97 -24.84
N VAL B 172 4.11 14.17 -24.58
CA VAL B 172 2.90 14.26 -25.35
C VAL B 172 1.79 13.67 -24.49
N VAL B 173 0.54 13.91 -24.88
CA VAL B 173 -0.62 13.35 -24.18
C VAL B 173 -1.38 12.52 -25.18
N TYR B 174 -1.61 11.25 -24.86
CA TYR B 174 -2.41 10.41 -25.73
C TYR B 174 -3.81 10.35 -25.11
N ILE B 175 -4.83 10.60 -25.92
CA ILE B 175 -6.21 10.51 -25.48
C ILE B 175 -6.71 9.29 -26.25
N ASN B 176 -6.76 8.16 -25.56
CA ASN B 176 -7.17 6.90 -26.20
C ASN B 176 -8.68 6.71 -26.19
N LEU B 177 -9.27 6.55 -27.37
CA LEU B 177 -10.70 6.32 -27.48
C LEU B 177 -10.98 4.88 -27.89
N VAL B 178 -9.93 4.05 -27.97
CA VAL B 178 -10.10 2.64 -28.37
C VAL B 178 -10.57 1.83 -27.15
N SER B 179 -11.89 1.65 -27.10
CA SER B 179 -12.54 0.92 -26.00
C SER B 179 -11.83 -0.37 -25.62
N GLY B 180 -11.72 -0.61 -24.31
CA GLY B 180 -11.09 -1.82 -23.84
C GLY B 180 -9.59 -2.01 -24.02
N MET B 181 -8.89 -0.94 -24.42
N MET B 181 -8.88 -0.96 -24.42
CA MET B 181 -7.45 -1.01 -24.63
CA MET B 181 -7.44 -1.06 -24.58
C MET B 181 -6.79 0.14 -23.87
C MET B 181 -6.79 0.13 -23.88
N THR B 182 -5.48 0.05 -23.63
CA THR B 182 -4.78 1.13 -22.95
C THR B 182 -3.34 1.27 -23.45
N LEU B 183 -2.63 2.29 -22.96
CA LEU B 183 -1.24 2.52 -23.28
C LEU B 183 -0.51 2.53 -21.94
N GLU B 184 0.74 2.10 -21.94
CA GLU B 184 1.51 2.00 -20.69
C GLU B 184 2.62 3.02 -20.53
N PRO B 185 3.03 3.27 -19.28
CA PRO B 185 4.10 4.23 -19.00
C PRO B 185 5.47 3.75 -19.48
N ASN B 186 6.33 4.70 -19.80
CA ASN B 186 7.71 4.43 -20.18
C ASN B 186 8.47 5.53 -19.46
N GLU B 187 9.06 5.23 -18.32
CA GLU B 187 9.75 6.29 -17.59
C GLU B 187 10.86 6.98 -18.35
N HIS B 188 11.35 6.36 -19.42
CA HIS B 188 12.46 6.95 -20.19
C HIS B 188 12.01 7.65 -21.48
N ASP B 189 10.72 7.59 -21.80
CA ASP B 189 10.14 8.24 -22.97
C ASP B 189 8.69 8.42 -22.54
N GLN B 190 8.51 9.35 -21.61
CA GLN B 190 7.22 9.58 -20.99
C GLN B 190 6.13 10.26 -21.78
N ARG B 191 4.90 9.92 -21.41
CA ARG B 191 3.74 10.52 -22.02
C ARG B 191 2.58 10.37 -21.03
N PHE B 192 1.65 11.32 -21.05
CA PHE B 192 0.44 11.24 -20.23
C PHE B 192 -0.51 10.37 -21.07
N ILE B 193 -1.26 9.49 -20.42
CA ILE B 193 -2.21 8.63 -21.13
C ILE B 193 -3.55 8.82 -20.47
N VAL B 194 -4.57 9.13 -21.28
CA VAL B 194 -5.92 9.36 -20.80
C VAL B 194 -6.83 8.41 -21.56
N ASP B 195 -7.43 7.45 -20.87
CA ASP B 195 -8.33 6.52 -21.54
C ASP B 195 -9.72 7.11 -21.51
N GLY B 196 -10.03 7.90 -22.53
CA GLY B 196 -11.33 8.55 -22.63
C GLY B 196 -12.50 7.58 -22.65
N TRP B 197 -12.30 6.43 -23.25
CA TRP B 197 -13.36 5.43 -23.31
C TRP B 197 -13.77 4.94 -21.92
N ALA B 198 -12.84 4.96 -20.97
CA ALA B 198 -13.09 4.52 -19.61
C ALA B 198 -14.06 5.46 -18.89
N ALA B 199 -14.06 6.74 -19.28
CA ALA B 199 -14.97 7.71 -18.69
C ALA B 199 -16.39 7.35 -19.07
N SER B 200 -16.61 7.01 -20.34
N SER B 200 -16.59 7.00 -20.33
CA SER B 200 -17.95 6.65 -20.78
CA SER B 200 -17.91 6.63 -20.81
C SER B 200 -18.41 5.41 -20.03
C SER B 200 -18.40 5.41 -20.03
N LYS B 201 -17.50 4.45 -19.85
CA LYS B 201 -17.81 3.22 -19.14
C LYS B 201 -18.34 3.45 -17.73
N PHE B 202 -17.81 4.47 -17.05
CA PHE B 202 -18.26 4.76 -15.70
C PHE B 202 -19.35 5.82 -15.64
N GLY B 203 -20.02 6.02 -16.76
CA GLY B 203 -21.10 6.99 -16.83
C GLY B 203 -20.73 8.43 -16.53
N LEU B 204 -19.47 8.78 -16.76
CA LEU B 204 -19.04 10.15 -16.49
C LEU B 204 -19.50 11.14 -17.56
N ASP B 205 -19.45 12.42 -17.22
CA ASP B 205 -19.76 13.49 -18.18
C ASP B 205 -18.43 13.50 -18.95
N VAL B 206 -18.44 12.91 -20.13
CA VAL B 206 -17.20 12.79 -20.91
C VAL B 206 -16.54 14.11 -21.27
N VAL B 207 -17.30 15.10 -21.70
CA VAL B 207 -16.70 16.38 -22.04
C VAL B 207 -16.03 16.99 -20.80
N LYS B 208 -16.72 17.02 -19.65
CA LYS B 208 -16.14 17.55 -18.41
C LYS B 208 -14.85 16.79 -18.09
N PHE B 209 -14.94 15.47 -18.19
CA PHE B 209 -13.78 14.60 -17.92
C PHE B 209 -12.59 14.96 -18.79
N LEU B 210 -12.79 15.06 -20.09
CA LEU B 210 -11.67 15.38 -20.97
C LEU B 210 -11.15 16.80 -20.77
N VAL B 211 -12.06 17.74 -20.49
CA VAL B 211 -11.62 19.11 -20.27
C VAL B 211 -10.83 19.15 -18.95
N ALA B 212 -11.25 18.37 -17.96
CA ALA B 212 -10.55 18.33 -16.67
C ALA B 212 -9.16 17.72 -16.89
N ALA B 213 -9.07 16.74 -17.78
CA ALA B 213 -7.78 16.11 -18.08
C ALA B 213 -6.87 17.13 -18.77
N ALA B 214 -7.41 17.89 -19.73
CA ALA B 214 -6.58 18.88 -20.40
C ALA B 214 -6.12 19.96 -19.40
N ALA B 215 -7.03 20.44 -18.56
CA ALA B 215 -6.68 21.47 -17.60
C ALA B 215 -5.63 20.95 -16.60
N THR B 216 -5.72 19.67 -16.25
CA THR B 216 -4.75 19.06 -15.35
C THR B 216 -3.35 19.15 -15.99
N VAL B 217 -3.24 18.72 -17.24
CA VAL B 217 -1.96 18.77 -17.93
C VAL B 217 -1.47 20.22 -17.98
N GLU B 218 -2.36 21.15 -18.30
CA GLU B 218 -1.99 22.56 -18.39
C GLU B 218 -1.46 23.11 -17.07
N MET B 219 -2.20 22.84 -15.99
CA MET B 219 -1.81 23.34 -14.68
C MET B 219 -0.54 22.70 -14.11
N LEU B 220 -0.20 21.51 -14.61
CA LEU B 220 1.01 20.82 -14.15
C LEU B 220 2.22 21.21 -15.00
N GLY B 221 2.02 22.12 -15.94
CA GLY B 221 3.11 22.54 -16.81
C GLY B 221 3.46 21.48 -17.83
N GLY B 222 2.50 20.59 -18.10
CA GLY B 222 2.72 19.51 -19.06
C GLY B 222 2.66 19.98 -20.51
N PRO B 223 3.02 19.11 -21.46
CA PRO B 223 3.02 19.45 -22.88
C PRO B 223 1.61 19.54 -23.43
N LYS B 224 1.26 20.68 -24.02
CA LYS B 224 -0.07 20.85 -24.58
C LYS B 224 -0.05 20.34 -26.02
N LYS B 225 0.28 19.06 -26.14
CA LYS B 225 0.37 18.37 -27.42
C LYS B 225 -0.39 17.06 -27.24
N ALA B 226 -1.42 16.84 -28.03
CA ALA B 226 -2.23 15.64 -27.91
C ALA B 226 -2.36 14.83 -29.18
N LYS B 227 -2.39 13.51 -28.99
CA LYS B 227 -2.60 12.58 -30.08
C LYS B 227 -3.84 11.81 -29.65
N ILE B 228 -4.88 11.87 -30.47
N ILE B 228 -4.89 11.88 -30.46
CA ILE B 228 -6.15 11.21 -30.19
CA ILE B 228 -6.15 11.21 -30.16
C ILE B 228 -6.19 9.89 -30.95
C ILE B 228 -6.18 9.90 -30.94
N VAL B 229 -6.19 8.79 -30.20
CA VAL B 229 -6.20 7.46 -30.81
C VAL B 229 -7.60 6.98 -31.07
N ILE B 230 -7.88 6.70 -32.33
CA ILE B 230 -9.21 6.25 -32.71
C ILE B 230 -9.14 4.86 -33.34
N PRO B 231 -10.25 4.10 -33.27
CA PRO B 231 -10.28 2.76 -33.84
C PRO B 231 -9.93 2.76 -35.33
#